data_5RYX
#
_entry.id   5RYX
#
_cell.length_a   38.740
_cell.length_b   77.410
_cell.length_c   98.770
_cell.angle_alpha   90.000
_cell.angle_beta   90.000
_cell.angle_gamma   90.000
#
_symmetry.space_group_name_H-M   'P 21 21 21'
#
loop_
_entity.id
_entity.type
_entity.pdbx_description
1 polymer 'Isoform 2 of Band 4.1-like protein 3'
2 non-polymer "N-(2-methoxy-5-methylphenyl)-N'-4H-1,2,4-triazol-4-ylurea"
3 non-polymer 'DIMETHYL SULFOXIDE'
4 non-polymer 1,2-ETHANEDIOL
5 water water
#
_entity_poly.entity_id   1
_entity_poly.type   'polypeptide(L)'
_entity_poly.pdbx_seq_one_letter_code
;SMPKSMQCKVILLDGSEYTCDVEKRSRGQVLFDKVCEHLNLLEKDYFGLTYRDAENQKNWLDPAKEIKKQVRSGAWHFSF
NVKFYPPDPAQLSEDITRYYLCLQLRDDIVSGRLPCSFVTLALLGSYTVQSELGDYDPDECGSDYISEFRFAPNHTKELE
DKVIELHKSHRGMTPAEAEMHFLENAKKLSMYGVDLHHAKDSEGVEIMLGVCASGLLIYRDRLRINRFAWPKVLKISYKR
NNFYIKIRPGEFEQFESTIGFKLPNHRAAKRLWKVCVEHHTFFRLL
;
_entity_poly.pdbx_strand_id   A
#
loop_
_chem_comp.id
_chem_comp.type
_chem_comp.name
_chem_comp.formula
DMS non-polymer 'DIMETHYL SULFOXIDE' 'C2 H6 O S'
EDO non-polymer 1,2-ETHANEDIOL 'C2 H6 O2'
VZS non-polymer N-(2-methoxy-5-methylphenyl)-N'-4H-1,2,4-triazol-4-ylurea 'C11 H13 N5 O2'
#
# COMPACT_ATOMS: atom_id res chain seq x y z
N PRO A 3 -35.98 4.62 3.49
CA PRO A 3 -34.60 4.43 3.00
C PRO A 3 -34.03 3.08 3.45
N LYS A 4 -33.73 2.21 2.50
CA LYS A 4 -33.16 0.89 2.85
C LYS A 4 -31.66 1.05 3.01
N SER A 5 -31.12 0.52 4.11
N SER A 5 -31.14 0.58 4.15
CA SER A 5 -29.68 0.61 4.47
CA SER A 5 -29.69 0.59 4.46
C SER A 5 -29.03 -0.77 4.41
C SER A 5 -29.08 -0.77 4.13
N MET A 6 -27.75 -0.80 4.01
CA MET A 6 -26.95 -2.03 3.85
C MET A 6 -25.88 -1.96 4.93
N GLN A 7 -25.65 -3.08 5.58
CA GLN A 7 -24.58 -3.23 6.57
C GLN A 7 -23.23 -3.33 5.88
N CYS A 8 -22.26 -2.54 6.33
CA CYS A 8 -20.88 -2.58 5.77
C CYS A 8 -19.94 -3.06 6.86
N LYS A 9 -19.03 -3.98 6.53
CA LYS A 9 -17.97 -4.44 7.45
C LYS A 9 -16.61 -4.03 6.88
N VAL A 10 -15.80 -3.34 7.70
CA VAL A 10 -14.47 -2.82 7.25
C VAL A 10 -13.40 -3.37 8.15
N ILE A 11 -12.44 -4.06 7.57
CA ILE A 11 -11.23 -4.48 8.32
C ILE A 11 -10.30 -3.26 8.39
N LEU A 12 -10.08 -2.79 9.62
CA LEU A 12 -9.17 -1.67 9.92
C LEU A 12 -7.73 -2.18 9.96
N LEU A 13 -6.81 -1.24 9.91
CA LEU A 13 -5.38 -1.58 9.77
C LEU A 13 -4.84 -2.23 11.04
N ASP A 14 -5.52 -2.10 12.17
CA ASP A 14 -5.15 -2.84 13.42
C ASP A 14 -5.71 -4.26 13.41
N GLY A 15 -6.40 -4.69 12.34
CA GLY A 15 -7.03 -6.04 12.26
C GLY A 15 -8.41 -6.07 12.91
N SER A 16 -8.87 -4.98 13.48
CA SER A 16 -10.24 -4.90 14.07
C SER A 16 -11.27 -4.68 12.95
N GLU A 17 -12.53 -4.98 13.26
CA GLU A 17 -13.70 -4.78 12.34
C GLU A 17 -14.52 -3.53 12.72
N TYR A 18 -14.79 -2.65 11.77
CA TYR A 18 -15.76 -1.55 11.93
C TYR A 18 -17.01 -1.94 11.17
N THR A 19 -18.15 -1.81 11.81
CA THR A 19 -19.47 -2.12 11.21
C THR A 19 -20.28 -0.83 11.17
N CYS A 20 -20.88 -0.51 10.03
CA CYS A 20 -21.76 0.66 9.93
C CYS A 20 -22.81 0.37 8.89
N ASP A 21 -23.75 1.28 8.73
CA ASP A 21 -24.81 1.18 7.71
C ASP A 21 -24.66 2.37 6.77
N VAL A 22 -24.97 2.15 5.52
CA VAL A 22 -25.20 3.25 4.56
C VAL A 22 -26.45 2.91 3.78
N GLU A 23 -27.12 3.94 3.24
CA GLU A 23 -28.25 3.76 2.30
C GLU A 23 -27.77 2.89 1.14
N LYS A 24 -28.63 2.00 0.63
CA LYS A 24 -28.20 0.97 -0.34
C LYS A 24 -27.65 1.55 -1.66
N ARG A 25 -28.06 2.79 -2.00
CA ARG A 25 -27.67 3.50 -3.24
C ARG A 25 -26.44 4.36 -3.00
N SER A 26 -25.89 4.34 -1.79
CA SER A 26 -24.71 5.19 -1.41
C SER A 26 -23.51 4.96 -2.32
N ARG A 27 -22.80 6.05 -2.60
CA ARG A 27 -21.50 6.01 -3.30
C ARG A 27 -20.38 5.72 -2.32
N GLY A 28 -19.23 5.35 -2.86
CA GLY A 28 -18.15 4.91 -1.95
C GLY A 28 -17.76 6.02 -0.99
N GLN A 29 -17.76 7.28 -1.46
CA GLN A 29 -17.27 8.36 -0.57
C GLN A 29 -18.01 8.37 0.78
N VAL A 30 -19.29 8.00 0.81
CA VAL A 30 -20.15 7.99 2.04
C VAL A 30 -19.52 7.04 3.05
N LEU A 31 -19.24 5.80 2.63
CA LEU A 31 -18.64 4.80 3.54
C LEU A 31 -17.24 5.31 3.95
N PHE A 32 -16.46 5.79 3.00
CA PHE A 32 -15.06 6.20 3.31
C PHE A 32 -15.10 7.29 4.37
N ASP A 33 -16.00 8.25 4.22
CA ASP A 33 -16.09 9.40 5.17
C ASP A 33 -16.43 8.83 6.56
N LYS A 34 -17.33 7.85 6.64
CA LYS A 34 -17.70 7.25 7.94
C LYS A 34 -16.50 6.56 8.57
N VAL A 35 -15.75 5.80 7.75
CA VAL A 35 -14.56 5.07 8.27
C VAL A 35 -13.52 6.09 8.76
N CYS A 36 -13.21 7.10 7.96
CA CYS A 36 -12.19 8.12 8.32
C CYS A 36 -12.63 8.88 9.58
N GLU A 37 -13.91 9.22 9.72
CA GLU A 37 -14.37 9.88 10.96
C GLU A 37 -14.14 8.94 12.15
N HIS A 38 -14.47 7.66 12.02
CA HIS A 38 -14.24 6.63 13.08
C HIS A 38 -12.75 6.56 13.46
N LEU A 39 -11.87 6.77 12.50
CA LEU A 39 -10.42 6.65 12.70
C LEU A 39 -9.86 8.01 13.14
N ASN A 40 -10.65 9.06 13.28
CA ASN A 40 -10.12 10.42 13.60
C ASN A 40 -9.07 10.84 12.56
N LEU A 41 -9.29 10.49 11.29
CA LEU A 41 -8.30 10.80 10.24
C LEU A 41 -8.72 12.03 9.43
N LEU A 42 -7.83 13.01 9.29
CA LEU A 42 -8.10 14.23 8.52
C LEU A 42 -7.38 14.20 7.17
N GLU A 43 -6.19 13.61 7.11
CA GLU A 43 -5.40 13.54 5.86
C GLU A 43 -5.86 12.29 5.14
N LYS A 44 -7.09 12.33 4.64
CA LYS A 44 -7.82 11.11 4.24
C LYS A 44 -7.36 10.62 2.88
N ASP A 45 -6.93 11.51 1.98
CA ASP A 45 -6.91 11.17 0.53
C ASP A 45 -5.68 10.33 0.17
N TYR A 46 -4.80 10.03 1.15
CA TYR A 46 -3.73 9.01 0.95
C TYR A 46 -4.35 7.61 1.00
N PHE A 47 -5.58 7.47 1.50
CA PHE A 47 -6.15 6.15 1.87
C PHE A 47 -7.35 5.84 0.97
N GLY A 48 -7.90 4.66 1.16
CA GLY A 48 -9.06 4.24 0.40
C GLY A 48 -9.58 2.96 1.00
N LEU A 49 -10.59 2.40 0.35
CA LEU A 49 -11.21 1.12 0.73
C LEU A 49 -11.05 0.16 -0.41
N THR A 50 -10.70 -1.09 -0.08
CA THR A 50 -10.60 -2.19 -1.05
C THR A 50 -11.72 -3.18 -0.77
N TYR A 51 -12.08 -3.89 -1.82
CA TYR A 51 -13.02 -5.03 -1.71
C TYR A 51 -12.41 -6.11 -2.61
N ARG A 52 -12.92 -7.33 -2.45
CA ARG A 52 -12.51 -8.50 -3.28
C ARG A 52 -13.64 -8.83 -4.24
N ASP A 53 -13.33 -8.96 -5.53
CA ASP A 53 -14.36 -9.17 -6.57
C ASP A 53 -14.63 -10.67 -6.72
N ALA A 54 -15.51 -10.98 -7.68
CA ALA A 54 -15.99 -12.35 -7.98
C ALA A 54 -14.79 -13.25 -8.31
N GLU A 55 -13.72 -12.68 -8.89
CA GLU A 55 -12.48 -13.40 -9.29
C GLU A 55 -11.46 -13.38 -8.13
N ASN A 56 -11.87 -12.91 -6.95
CA ASN A 56 -11.06 -12.68 -5.71
C ASN A 56 -9.94 -11.63 -5.89
N GLN A 57 -10.05 -10.71 -6.85
CA GLN A 57 -9.02 -9.66 -7.03
C GLN A 57 -9.30 -8.49 -6.07
N LYS A 58 -8.26 -7.86 -5.52
CA LYS A 58 -8.40 -6.56 -4.79
C LYS A 58 -8.75 -5.46 -5.77
N ASN A 59 -9.82 -4.73 -5.44
CA ASN A 59 -10.28 -3.56 -6.20
C ASN A 59 -10.40 -2.41 -5.22
N TRP A 60 -10.10 -1.21 -5.70
CA TRP A 60 -10.39 0.00 -4.91
C TRP A 60 -11.87 0.36 -5.08
N LEU A 61 -12.52 0.71 -3.99
CA LEU A 61 -13.89 1.24 -4.01
C LEU A 61 -13.87 2.66 -4.55
N ASP A 62 -14.47 2.87 -5.72
CA ASP A 62 -14.46 4.20 -6.36
C ASP A 62 -15.40 5.10 -5.59
N PRO A 63 -14.95 6.22 -5.01
CA PRO A 63 -15.85 7.03 -4.18
C PRO A 63 -16.98 7.72 -4.97
N ALA A 64 -16.83 7.84 -6.30
CA ALA A 64 -17.80 8.54 -7.16
C ALA A 64 -18.91 7.60 -7.61
N LYS A 65 -18.76 6.30 -7.36
CA LYS A 65 -19.69 5.31 -7.95
C LYS A 65 -20.47 4.64 -6.84
N GLU A 66 -21.68 4.14 -7.16
CA GLU A 66 -22.48 3.42 -6.16
C GLU A 66 -21.71 2.19 -5.69
N ILE A 67 -21.72 1.95 -4.40
CA ILE A 67 -21.10 0.75 -3.79
C ILE A 67 -21.71 -0.50 -4.45
N LYS A 68 -23.01 -0.49 -4.66
CA LYS A 68 -23.69 -1.73 -5.15
C LYS A 68 -23.25 -2.04 -6.58
N LYS A 69 -22.91 -1.05 -7.38
CA LYS A 69 -22.46 -1.26 -8.79
C LYS A 69 -20.98 -1.68 -8.84
N GLN A 70 -20.32 -1.75 -7.69
CA GLN A 70 -18.92 -2.23 -7.65
C GLN A 70 -18.85 -3.61 -7.00
N VAL A 71 -19.43 -3.77 -5.80
CA VAL A 71 -19.39 -5.05 -5.07
C VAL A 71 -20.27 -6.05 -5.85
N ARG A 72 -21.29 -5.54 -6.53
CA ARG A 72 -22.17 -6.32 -7.44
C ARG A 72 -22.69 -7.51 -6.65
N SER A 73 -22.24 -8.72 -6.98
CA SER A 73 -22.77 -9.96 -6.39
C SER A 73 -22.16 -10.24 -5.02
N GLY A 74 -21.05 -9.58 -4.66
CA GLY A 74 -20.27 -9.91 -3.44
C GLY A 74 -20.83 -9.23 -2.18
N ALA A 75 -20.31 -9.69 -1.04
CA ALA A 75 -20.61 -9.16 0.29
C ALA A 75 -20.08 -7.72 0.41
N TRP A 76 -20.67 -6.96 1.32
CA TRP A 76 -20.27 -5.53 1.53
C TRP A 76 -19.18 -5.54 2.59
N HIS A 77 -18.07 -6.17 2.22
CA HIS A 77 -16.91 -6.38 3.10
C HIS A 77 -15.72 -5.64 2.51
N PHE A 78 -15.08 -4.79 3.30
CA PHE A 78 -14.02 -3.90 2.75
C PHE A 78 -12.82 -3.95 3.68
N SER A 79 -11.69 -3.46 3.18
CA SER A 79 -10.52 -3.16 4.05
C SER A 79 -10.18 -1.70 3.87
N PHE A 80 -9.69 -1.09 4.96
CA PHE A 80 -9.12 0.27 4.92
C PHE A 80 -7.62 0.15 4.65
N ASN A 81 -7.11 0.84 3.63
CA ASN A 81 -5.71 0.68 3.15
C ASN A 81 -5.13 2.03 2.72
N VAL A 82 -3.82 2.09 2.78
CA VAL A 82 -3.10 3.19 2.07
C VAL A 82 -3.19 2.95 0.58
N LYS A 83 -3.54 3.99 -0.16
CA LYS A 83 -3.56 3.90 -1.64
C LYS A 83 -2.34 4.58 -2.25
N PHE A 84 -2.08 5.79 -1.77
CA PHE A 84 -0.99 6.65 -2.26
C PHE A 84 0.01 6.83 -1.13
N TYR A 85 1.10 6.11 -1.21
CA TYR A 85 2.14 6.11 -0.16
C TYR A 85 2.94 7.39 -0.30
N PRO A 86 2.97 8.24 0.72
CA PRO A 86 3.72 9.51 0.60
C PRO A 86 5.21 9.24 0.48
N PRO A 87 5.91 9.79 -0.52
CA PRO A 87 7.37 9.68 -0.60
C PRO A 87 8.09 10.28 0.59
N ASP A 88 7.47 11.24 1.27
CA ASP A 88 8.09 11.94 2.43
C ASP A 88 7.11 12.04 3.56
N PRO A 89 6.95 10.92 4.31
CA PRO A 89 6.00 10.92 5.42
C PRO A 89 6.22 12.02 6.47
N ALA A 90 7.46 12.54 6.60
CA ALA A 90 7.75 13.64 7.55
C ALA A 90 6.91 14.87 7.20
N GLN A 91 6.51 15.03 5.95
CA GLN A 91 5.74 16.22 5.51
C GLN A 91 4.24 16.04 5.73
N LEU A 92 3.78 14.87 6.17
CA LEU A 92 2.35 14.75 6.59
C LEU A 92 2.09 15.67 7.77
N SER A 93 0.91 16.31 7.81
CA SER A 93 0.66 17.30 8.89
C SER A 93 0.39 16.62 10.23
N GLU A 94 -0.08 15.37 10.28
CA GLU A 94 -0.58 14.81 11.55
C GLU A 94 0.11 13.49 11.89
N ASP A 95 0.34 13.30 13.17
CA ASP A 95 0.99 12.07 13.68
C ASP A 95 0.02 10.90 13.43
N ILE A 96 -1.28 11.11 13.53
CA ILE A 96 -2.23 9.97 13.38
C ILE A 96 -2.15 9.46 11.96
N THR A 97 -1.86 10.32 10.98
CA THR A 97 -1.73 9.89 9.59
C THR A 97 -0.56 8.93 9.50
N ARG A 98 0.57 9.31 10.08
CA ARG A 98 1.82 8.52 10.12
C ARG A 98 1.58 7.20 10.84
N TYR A 99 0.79 7.22 11.89
CA TYR A 99 0.42 6.02 12.66
C TYR A 99 -0.27 5.00 11.72
N TYR A 100 -1.27 5.42 10.99
CA TYR A 100 -1.97 4.47 10.08
C TYR A 100 -1.05 4.00 8.97
N LEU A 101 -0.21 4.89 8.43
CA LEU A 101 0.77 4.51 7.41
C LEU A 101 1.72 3.43 7.97
N CYS A 102 2.14 3.53 9.23
CA CYS A 102 2.99 2.49 9.85
C CYS A 102 2.22 1.17 9.85
N LEU A 103 0.97 1.21 10.30
CA LEU A 103 0.19 -0.05 10.38
C LEU A 103 0.12 -0.71 9.01
N GLN A 104 -0.09 0.06 7.95
CA GLN A 104 -0.18 -0.51 6.59
C GLN A 104 1.17 -1.14 6.24
N LEU A 105 2.25 -0.40 6.48
CA LEU A 105 3.57 -0.90 6.10
C LEU A 105 3.93 -2.15 6.90
N ARG A 106 3.52 -2.22 8.16
CA ARG A 106 3.75 -3.43 8.95
C ARG A 106 3.13 -4.61 8.23
N ASP A 107 1.92 -4.44 7.71
CA ASP A 107 1.25 -5.55 6.96
C ASP A 107 1.94 -5.80 5.63
N ASP A 108 2.39 -4.75 4.95
CA ASP A 108 3.13 -4.90 3.68
C ASP A 108 4.37 -5.75 3.94
N ILE A 109 5.00 -5.54 5.08
CA ILE A 109 6.22 -6.30 5.43
C ILE A 109 5.85 -7.76 5.77
N VAL A 110 4.88 -7.98 6.67
CA VAL A 110 4.59 -9.35 7.18
C VAL A 110 4.11 -10.20 6.00
N SER A 111 3.32 -9.60 5.10
CA SER A 111 2.74 -10.27 3.90
C SER A 111 3.81 -10.61 2.86
N GLY A 112 4.97 -9.94 2.88
CA GLY A 112 6.01 -10.09 1.85
C GLY A 112 5.82 -9.24 0.63
N ARG A 113 4.84 -8.32 0.59
CA ARG A 113 4.67 -7.35 -0.52
C ARG A 113 5.82 -6.35 -0.47
N LEU A 114 6.41 -6.11 0.70
CA LEU A 114 7.51 -5.16 0.85
C LEU A 114 8.74 -5.87 1.36
N PRO A 115 9.63 -6.33 0.45
CA PRO A 115 10.80 -7.11 0.82
C PRO A 115 11.71 -6.21 1.65
N CYS A 116 12.42 -6.83 2.58
N CYS A 116 12.27 -6.81 2.70
CA CYS A 116 13.21 -6.09 3.58
CA CYS A 116 13.20 -6.17 3.66
C CYS A 116 14.33 -6.99 4.09
C CYS A 116 14.42 -7.06 3.86
N SER A 117 15.54 -6.45 4.20
CA SER A 117 16.73 -7.15 4.70
C SER A 117 16.45 -7.55 6.14
N PHE A 118 17.23 -8.49 6.63
CA PHE A 118 17.20 -8.96 8.02
C PHE A 118 17.36 -7.79 8.99
N VAL A 119 18.38 -7.01 8.79
CA VAL A 119 18.68 -5.94 9.77
C VAL A 119 17.54 -4.92 9.73
N THR A 120 17.07 -4.49 8.55
CA THR A 120 15.99 -3.49 8.52
C THR A 120 14.70 -4.10 9.07
N LEU A 121 14.42 -5.40 8.85
CA LEU A 121 13.25 -6.04 9.52
C LEU A 121 13.35 -5.86 11.03
N ALA A 122 14.51 -6.14 11.61
CA ALA A 122 14.72 -6.02 13.06
C ALA A 122 14.61 -4.56 13.49
N LEU A 123 15.17 -3.64 12.70
CA LEU A 123 15.15 -2.21 13.08
C LEU A 123 13.70 -1.71 13.08
N LEU A 124 12.96 -1.98 12.02
CA LEU A 124 11.55 -1.55 11.93
C LEU A 124 10.77 -2.18 13.07
N GLY A 125 10.99 -3.48 13.30
CA GLY A 125 10.34 -4.17 14.43
C GLY A 125 10.64 -3.45 15.75
N SER A 126 11.89 -3.06 15.97
CA SER A 126 12.31 -2.39 17.23
C SER A 126 11.56 -1.06 17.43
N TYR A 127 11.31 -0.31 16.35
CA TYR A 127 10.58 0.98 16.42
C TYR A 127 9.11 0.68 16.73
N THR A 128 8.57 -0.37 16.13
CA THR A 128 7.16 -0.74 16.40
C THR A 128 7.05 -1.05 17.89
N VAL A 129 8.00 -1.81 18.41
CA VAL A 129 7.90 -2.23 19.83
C VAL A 129 8.00 -0.98 20.69
N GLN A 130 8.93 -0.07 20.39
CA GLN A 130 9.10 1.14 21.19
C GLN A 130 7.78 1.93 21.22
N SER A 131 7.13 2.07 20.07
N SER A 131 7.08 2.02 20.08
CA SER A 131 5.83 2.78 19.91
CA SER A 131 5.84 2.81 19.90
C SER A 131 4.75 2.09 20.75
C SER A 131 4.64 2.11 20.56
N GLU A 132 4.61 0.78 20.60
CA GLU A 132 3.49 0.02 21.23
C GLU A 132 3.72 -0.19 22.71
N LEU A 133 4.95 -0.48 23.14
CA LEU A 133 5.23 -0.86 24.56
C LEU A 133 6.00 0.22 25.31
N GLY A 134 6.59 1.22 24.63
CA GLY A 134 7.53 2.13 25.29
C GLY A 134 8.89 1.49 25.52
N ASP A 135 9.57 1.94 26.56
CA ASP A 135 11.00 1.62 26.81
C ASP A 135 11.19 0.14 27.10
N TYR A 136 12.34 -0.39 26.68
CA TYR A 136 12.78 -1.78 26.91
C TYR A 136 12.66 -2.07 28.41
N ASP A 137 12.06 -3.21 28.72
CA ASP A 137 11.84 -3.73 30.10
C ASP A 137 12.32 -5.18 30.12
N PRO A 138 13.39 -5.51 30.87
CA PRO A 138 13.88 -6.88 30.98
C PRO A 138 13.02 -7.79 31.87
N ASP A 139 11.94 -7.26 32.45
CA ASP A 139 10.95 -8.01 33.27
C ASP A 139 10.09 -8.88 32.34
N GLU A 140 9.70 -8.34 31.19
CA GLU A 140 8.83 -9.02 30.19
C GLU A 140 9.68 -9.93 29.31
N CYS A 141 10.91 -9.51 29.02
CA CYS A 141 11.83 -10.13 28.04
C CYS A 141 12.94 -10.91 28.76
N GLY A 142 12.92 -12.23 28.65
CA GLY A 142 14.04 -13.11 29.01
C GLY A 142 14.81 -13.51 27.75
N SER A 143 15.81 -14.38 27.90
CA SER A 143 16.64 -14.93 26.80
C SER A 143 15.77 -15.71 25.82
N ASP A 144 14.59 -16.18 26.27
CA ASP A 144 13.65 -16.99 25.44
C ASP A 144 12.49 -16.15 24.88
N TYR A 145 12.57 -14.81 24.88
CA TYR A 145 11.42 -13.94 24.52
C TYR A 145 11.10 -14.03 23.02
N ILE A 146 9.80 -14.16 22.72
CA ILE A 146 9.20 -14.02 21.36
C ILE A 146 7.99 -13.05 21.41
N SER A 147 8.07 -11.96 20.64
CA SER A 147 7.10 -10.85 20.69
C SER A 147 5.77 -11.31 20.12
N GLU A 148 4.68 -10.71 20.59
CA GLU A 148 3.34 -10.99 20.00
C GLU A 148 3.31 -10.39 18.61
N PHE A 149 4.15 -9.36 18.36
CA PHE A 149 4.19 -8.54 17.13
C PHE A 149 4.78 -9.48 16.07
N ARG A 150 4.02 -9.59 15.00
CA ARG A 150 4.46 -10.07 13.69
C ARG A 150 5.30 -8.95 13.10
N PHE A 151 6.49 -9.30 12.66
CA PHE A 151 7.57 -8.40 12.15
C PHE A 151 7.91 -8.75 10.72
N ALA A 152 7.74 -10.01 10.30
CA ALA A 152 8.38 -10.50 9.07
C ALA A 152 7.57 -11.63 8.46
N PRO A 153 7.78 -11.92 7.18
CA PRO A 153 7.11 -13.06 6.54
C PRO A 153 7.56 -14.39 7.16
N ASN A 154 8.78 -14.45 7.69
CA ASN A 154 9.26 -15.68 8.37
C ASN A 154 9.99 -15.26 9.63
N HIS A 155 9.46 -15.66 10.76
CA HIS A 155 10.07 -15.29 12.05
C HIS A 155 11.16 -16.31 12.40
N THR A 156 12.26 -15.85 12.95
CA THR A 156 13.34 -16.67 13.51
C THR A 156 13.67 -16.13 14.90
N LYS A 157 14.32 -16.94 15.73
CA LYS A 157 14.71 -16.52 17.11
C LYS A 157 15.67 -15.33 17.02
N GLU A 158 16.66 -15.39 16.12
CA GLU A 158 17.69 -14.32 15.97
C GLU A 158 17.01 -13.02 15.53
N LEU A 159 16.00 -13.08 14.66
CA LEU A 159 15.24 -11.85 14.32
C LEU A 159 14.62 -11.30 15.61
N GLU A 160 14.00 -12.16 16.43
CA GLU A 160 13.39 -11.71 17.69
C GLU A 160 14.46 -11.10 18.57
N ASP A 161 15.65 -11.73 18.62
CA ASP A 161 16.76 -11.25 19.48
C ASP A 161 17.23 -9.88 18.97
N LYS A 162 17.33 -9.70 17.66
CA LYS A 162 17.85 -8.43 17.09
C LYS A 162 16.87 -7.29 17.37
N VAL A 163 15.57 -7.56 17.28
CA VAL A 163 14.49 -6.58 17.63
C VAL A 163 14.73 -6.12 19.07
N ILE A 164 14.95 -7.06 19.96
CA ILE A 164 15.19 -6.70 21.39
C ILE A 164 16.47 -5.88 21.52
N GLU A 165 17.57 -6.33 20.92
CA GLU A 165 18.85 -5.60 21.04
C GLU A 165 18.63 -4.16 20.57
N LEU A 166 17.97 -3.99 19.42
CA LEU A 166 17.77 -2.62 18.88
C LEU A 166 16.77 -1.86 19.76
N HIS A 167 15.75 -2.53 20.31
CA HIS A 167 14.75 -1.89 21.18
C HIS A 167 15.47 -1.24 22.39
N LYS A 168 16.51 -1.87 22.88
CA LYS A 168 17.24 -1.32 24.05
C LYS A 168 17.80 0.07 23.74
N SER A 169 18.15 0.35 22.48
CA SER A 169 18.81 1.60 22.07
C SER A 169 17.81 2.76 22.05
N HIS A 170 16.50 2.48 22.03
CA HIS A 170 15.47 3.52 21.78
C HIS A 170 14.92 4.14 23.08
N ARG A 171 15.57 3.98 24.23
CA ARG A 171 14.98 4.47 25.52
C ARG A 171 14.63 5.97 25.44
N GLY A 172 13.44 6.33 25.94
CA GLY A 172 12.91 7.69 25.97
C GLY A 172 12.17 8.08 24.71
N MET A 173 12.21 7.24 23.67
CA MET A 173 11.57 7.62 22.39
C MET A 173 10.06 7.53 22.55
N THR A 174 9.33 8.58 22.16
CA THR A 174 7.85 8.54 22.22
C THR A 174 7.27 7.75 21.05
N PRO A 175 5.98 7.36 21.10
CA PRO A 175 5.37 6.66 19.97
C PRO A 175 5.50 7.43 18.65
N ALA A 176 5.21 8.72 18.65
CA ALA A 176 5.31 9.55 17.41
C ALA A 176 6.73 9.55 16.88
N GLU A 177 7.71 9.68 17.77
CA GLU A 177 9.15 9.64 17.40
C GLU A 177 9.48 8.28 16.78
N ALA A 178 9.10 7.19 17.44
CA ALA A 178 9.39 5.81 16.97
C ALA A 178 8.73 5.61 15.58
N GLU A 179 7.51 6.12 15.40
CA GLU A 179 6.74 5.98 14.14
C GLU A 179 7.42 6.80 13.05
N MET A 180 7.94 7.99 13.37
CA MET A 180 8.65 8.77 12.37
C MET A 180 9.93 8.01 11.98
N HIS A 181 10.68 7.44 12.91
CA HIS A 181 11.91 6.66 12.56
C HIS A 181 11.54 5.42 11.74
N PHE A 182 10.47 4.77 12.11
CA PHE A 182 9.99 3.62 11.27
C PHE A 182 9.85 4.07 9.81
N LEU A 183 9.11 5.16 9.60
CA LEU A 183 8.79 5.67 8.25
C LEU A 183 10.03 6.14 7.49
N GLU A 184 10.97 6.77 8.19
CA GLU A 184 12.21 7.31 7.58
C GLU A 184 13.10 6.16 7.09
N ASN A 185 12.98 4.99 7.71
CA ASN A 185 13.66 3.76 7.25
C ASN A 185 12.82 3.06 6.17
N ALA A 186 11.51 2.87 6.40
CA ALA A 186 10.67 2.08 5.47
C ALA A 186 10.58 2.77 4.10
N LYS A 187 10.59 4.10 4.09
CA LYS A 187 10.40 4.83 2.80
C LYS A 187 11.55 4.53 1.86
N LYS A 188 12.68 4.06 2.36
CA LYS A 188 13.89 3.86 1.51
C LYS A 188 13.88 2.49 0.85
N LEU A 189 12.97 1.62 1.23
CA LEU A 189 12.96 0.25 0.69
C LEU A 189 12.58 0.32 -0.80
N SER A 190 13.21 -0.50 -1.61
CA SER A 190 13.04 -0.40 -3.09
C SER A 190 11.57 -0.62 -3.52
N MET A 191 10.77 -1.38 -2.77
CA MET A 191 9.36 -1.63 -3.16
C MET A 191 8.40 -0.79 -2.32
N TYR A 192 8.89 0.21 -1.58
CA TYR A 192 7.98 1.07 -0.76
C TYR A 192 6.93 1.68 -1.69
N GLY A 193 5.66 1.42 -1.35
CA GLY A 193 4.49 1.97 -2.03
C GLY A 193 4.33 1.47 -3.45
N VAL A 194 5.04 0.42 -3.85
CA VAL A 194 4.93 -0.14 -5.23
C VAL A 194 3.79 -1.14 -5.29
N ASP A 195 2.80 -0.86 -6.13
CA ASP A 195 1.65 -1.75 -6.39
C ASP A 195 2.00 -2.63 -7.60
N LEU A 196 2.12 -3.94 -7.41
CA LEU A 196 2.60 -4.89 -8.46
C LEU A 196 1.44 -5.58 -9.16
N HIS A 197 1.51 -5.60 -10.49
CA HIS A 197 0.53 -6.26 -11.36
C HIS A 197 1.25 -7.27 -12.26
N HIS A 198 0.79 -8.52 -12.25
CA HIS A 198 1.31 -9.57 -13.17
C HIS A 198 0.94 -9.19 -14.59
N ALA A 199 1.84 -9.37 -15.55
CA ALA A 199 1.58 -9.12 -16.98
C ALA A 199 2.58 -9.90 -17.82
N LYS A 200 2.33 -9.99 -19.12
CA LYS A 200 3.30 -10.51 -20.11
C LYS A 200 3.73 -9.36 -21.00
N ASP A 201 4.98 -9.37 -21.42
CA ASP A 201 5.51 -8.36 -22.37
C ASP A 201 5.04 -8.77 -23.76
N SER A 202 5.35 -7.98 -24.79
CA SER A 202 4.90 -8.18 -26.20
C SER A 202 5.42 -9.51 -26.78
N GLU A 203 6.43 -10.12 -26.16
CA GLU A 203 7.00 -11.41 -26.62
C GLU A 203 6.39 -12.58 -25.83
N GLY A 204 5.53 -12.30 -24.85
CA GLY A 204 4.83 -13.31 -24.03
C GLY A 204 5.60 -13.71 -22.77
N VAL A 205 6.66 -12.98 -22.41
CA VAL A 205 7.49 -13.28 -21.21
C VAL A 205 6.81 -12.65 -20.00
N GLU A 206 6.78 -13.38 -18.88
CA GLU A 206 6.07 -12.95 -17.64
C GLU A 206 6.88 -11.84 -16.98
N ILE A 207 6.26 -10.67 -16.76
CA ILE A 207 6.91 -9.52 -16.10
C ILE A 207 6.00 -9.07 -14.95
N MET A 208 6.44 -8.09 -14.17
CA MET A 208 5.58 -7.41 -13.19
C MET A 208 5.65 -5.94 -13.52
N LEU A 209 4.50 -5.28 -13.55
CA LEU A 209 4.41 -3.83 -13.71
C LEU A 209 4.20 -3.23 -12.31
N GLY A 210 5.02 -2.29 -11.92
CA GLY A 210 4.96 -1.65 -10.60
C GLY A 210 4.45 -0.23 -10.78
N VAL A 211 3.49 0.19 -9.96
CA VAL A 211 2.97 1.58 -9.99
C VAL A 211 3.27 2.28 -8.66
N CYS A 212 3.83 3.47 -8.69
CA CYS A 212 4.16 4.19 -7.44
C CYS A 212 4.21 5.69 -7.72
N ALA A 213 4.49 6.50 -6.69
CA ALA A 213 4.55 7.99 -6.78
C ALA A 213 5.50 8.47 -7.89
N SER A 214 6.61 7.80 -8.09
CA SER A 214 7.71 8.30 -8.96
C SER A 214 7.39 7.94 -10.42
N GLY A 215 6.65 6.85 -10.63
CA GLY A 215 6.31 6.48 -12.01
C GLY A 215 5.98 5.02 -12.14
N LEU A 216 6.34 4.44 -13.29
CA LEU A 216 6.06 3.04 -13.68
C LEU A 216 7.38 2.27 -13.64
N LEU A 217 7.31 1.01 -13.18
CA LEU A 217 8.49 0.12 -13.19
C LEU A 217 8.09 -1.14 -13.92
N ILE A 218 9.00 -1.66 -14.75
CA ILE A 218 8.84 -2.96 -15.46
C ILE A 218 9.93 -3.91 -14.94
N TYR A 219 9.54 -4.85 -14.07
CA TYR A 219 10.43 -5.88 -13.46
C TYR A 219 10.47 -7.11 -14.38
N ARG A 220 11.46 -7.15 -15.27
CA ARG A 220 11.65 -8.23 -16.28
C ARG A 220 12.35 -9.41 -15.60
N ASP A 221 13.47 -9.14 -14.92
CA ASP A 221 14.22 -10.11 -14.07
C ASP A 221 15.18 -9.31 -13.18
N ARG A 222 15.88 -9.99 -12.26
CA ARG A 222 16.76 -9.33 -11.26
C ARG A 222 17.59 -8.26 -11.98
N LEU A 223 18.03 -8.54 -13.20
CA LEU A 223 18.69 -7.56 -14.10
C LEU A 223 17.72 -7.15 -15.22
N ARG A 224 17.79 -5.89 -15.63
CA ARG A 224 16.85 -5.28 -16.61
C ARG A 224 15.57 -4.89 -15.87
N ILE A 225 15.65 -3.85 -15.04
CA ILE A 225 14.48 -3.13 -14.45
C ILE A 225 14.35 -1.81 -15.22
N ASN A 226 13.23 -1.65 -15.93
CA ASN A 226 12.90 -0.47 -16.75
C ASN A 226 12.07 0.48 -15.88
N ARG A 227 12.50 1.74 -15.78
CA ARG A 227 11.84 2.76 -14.91
C ARG A 227 11.41 3.94 -15.77
N PHE A 228 10.13 4.30 -15.73
CA PHE A 228 9.59 5.47 -16.47
C PHE A 228 9.05 6.47 -15.44
N ALA A 229 9.83 7.52 -15.12
CA ALA A 229 9.32 8.63 -14.29
C ALA A 229 8.08 9.21 -14.96
N TRP A 230 7.11 9.66 -14.17
CA TRP A 230 5.83 10.16 -14.70
C TRP A 230 6.06 11.16 -15.85
N PRO A 231 7.03 12.10 -15.82
CA PRO A 231 7.20 13.04 -16.93
C PRO A 231 7.48 12.36 -18.28
N LYS A 232 8.13 11.18 -18.26
CA LYS A 232 8.44 10.41 -19.49
C LYS A 232 7.19 9.70 -20.01
N VAL A 233 6.11 9.60 -19.23
CA VAL A 233 4.91 8.81 -19.64
C VAL A 233 3.93 9.77 -20.29
N LEU A 234 3.79 9.70 -21.61
CA LEU A 234 2.93 10.67 -22.33
C LEU A 234 1.47 10.27 -22.14
N LYS A 235 1.17 8.97 -22.23
CA LYS A 235 -0.23 8.49 -22.10
C LYS A 235 -0.25 6.99 -21.80
N ILE A 236 -1.36 6.56 -21.21
CA ILE A 236 -1.64 5.15 -20.78
C ILE A 236 -3.02 4.78 -21.32
N SER A 237 -3.22 3.53 -21.74
CA SER A 237 -4.52 3.09 -22.29
C SER A 237 -4.68 1.59 -22.09
N TYR A 238 -5.91 1.11 -22.18
CA TYR A 238 -6.17 -0.34 -22.18
C TYR A 238 -7.17 -0.61 -23.31
N LYS A 239 -7.06 -1.80 -23.87
CA LYS A 239 -8.05 -2.28 -24.86
C LYS A 239 -8.02 -3.79 -24.76
N ARG A 240 -9.19 -4.42 -24.58
CA ARG A 240 -9.31 -5.88 -24.34
C ARG A 240 -8.41 -6.20 -23.13
N ASN A 241 -7.46 -7.12 -23.26
CA ASN A 241 -6.59 -7.55 -22.12
C ASN A 241 -5.25 -6.82 -22.21
N ASN A 242 -5.20 -5.79 -23.05
CA ASN A 242 -3.91 -5.13 -23.36
C ASN A 242 -3.85 -3.82 -22.61
N PHE A 243 -2.64 -3.53 -22.15
CA PHE A 243 -2.30 -2.28 -21.48
C PHE A 243 -1.10 -1.70 -22.25
N TYR A 244 -1.16 -0.42 -22.55
CA TYR A 244 -0.18 0.30 -23.39
C TYR A 244 0.33 1.53 -22.66
N ILE A 245 1.65 1.67 -22.71
CA ILE A 245 2.32 2.88 -22.19
C ILE A 245 3.02 3.54 -23.38
N LYS A 246 2.71 4.82 -23.60
CA LYS A 246 3.42 5.69 -24.56
C LYS A 246 4.53 6.39 -23.76
N ILE A 247 5.77 6.29 -24.25
CA ILE A 247 6.98 6.92 -23.66
C ILE A 247 7.45 8.05 -24.61
N ARG A 248 7.70 9.23 -24.06
CA ARG A 248 8.17 10.40 -24.84
C ARG A 248 9.47 10.05 -25.54
N PRO A 249 9.74 10.65 -26.71
CA PRO A 249 11.05 10.50 -27.35
C PRO A 249 12.04 11.38 -26.58
N GLY A 250 13.32 10.99 -26.56
CA GLY A 250 14.40 11.94 -26.19
C GLY A 250 14.18 13.24 -26.94
N GLU A 251 14.82 14.34 -26.51
CA GLU A 251 14.86 15.57 -27.33
C GLU A 251 15.40 15.17 -28.71
N PHE A 252 14.85 15.76 -29.77
CA PHE A 252 15.32 15.60 -31.18
C PHE A 252 14.86 14.25 -31.75
N GLU A 253 14.13 13.46 -30.95
CA GLU A 253 13.41 12.26 -31.46
C GLU A 253 12.07 12.72 -32.01
N GLN A 254 11.60 12.06 -33.08
CA GLN A 254 10.42 12.53 -33.86
C GLN A 254 9.14 12.04 -33.16
N PHE A 255 9.16 10.81 -32.60
CA PHE A 255 7.94 10.05 -32.19
C PHE A 255 8.15 9.26 -30.90
N GLU A 256 7.18 9.37 -29.99
CA GLU A 256 7.06 8.55 -28.76
C GLU A 256 7.07 7.06 -29.14
N SER A 257 7.48 6.21 -28.20
CA SER A 257 7.56 4.74 -28.34
C SER A 257 6.35 4.16 -27.61
N THR A 258 5.85 3.01 -28.04
CA THR A 258 4.71 2.32 -27.39
C THR A 258 5.26 1.00 -26.85
N ILE A 259 4.99 0.74 -25.58
CA ILE A 259 5.26 -0.56 -24.94
C ILE A 259 3.91 -1.16 -24.57
N GLY A 260 3.67 -2.39 -25.02
CA GLY A 260 2.41 -3.11 -24.85
C GLY A 260 2.58 -4.25 -23.89
N PHE A 261 1.56 -4.50 -23.06
CA PHE A 261 1.54 -5.66 -22.15
C PHE A 261 0.21 -6.35 -22.26
N LYS A 262 0.25 -7.67 -22.07
CA LYS A 262 -0.91 -8.58 -22.02
C LYS A 262 -1.23 -8.83 -20.54
N LEU A 263 -2.43 -8.48 -20.11
CA LEU A 263 -2.89 -8.78 -18.73
C LEU A 263 -3.72 -10.07 -18.78
N PRO A 264 -3.97 -10.71 -17.63
CA PRO A 264 -4.76 -11.94 -17.58
C PRO A 264 -6.17 -11.84 -18.21
N ASN A 265 -6.81 -10.69 -18.07
CA ASN A 265 -8.18 -10.48 -18.59
C ASN A 265 -8.42 -8.99 -18.71
N HIS A 266 -9.57 -8.64 -19.25
CA HIS A 266 -9.97 -7.23 -19.45
C HIS A 266 -10.02 -6.46 -18.11
N ARG A 267 -10.55 -7.08 -17.05
CA ARG A 267 -10.70 -6.40 -15.73
C ARG A 267 -9.30 -6.12 -15.16
N ALA A 268 -8.33 -7.02 -15.31
CA ALA A 268 -6.94 -6.74 -14.82
C ALA A 268 -6.34 -5.54 -15.57
N ALA A 269 -6.61 -5.42 -16.86
CA ALA A 269 -6.06 -4.33 -17.67
C ALA A 269 -6.70 -3.01 -17.22
N LYS A 270 -8.02 -3.00 -17.02
CA LYS A 270 -8.73 -1.77 -16.56
C LYS A 270 -8.21 -1.38 -15.16
N ARG A 271 -8.05 -2.35 -14.28
CA ARG A 271 -7.59 -2.16 -12.88
C ARG A 271 -6.23 -1.46 -12.90
N LEU A 272 -5.33 -1.99 -13.71
CA LEU A 272 -3.97 -1.41 -13.81
C LEU A 272 -4.05 0.02 -14.36
N TRP A 273 -4.75 0.25 -15.49
CA TRP A 273 -4.94 1.59 -16.09
C TRP A 273 -5.42 2.59 -15.03
N LYS A 274 -6.42 2.20 -14.25
CA LYS A 274 -7.05 3.10 -13.25
C LYS A 274 -6.05 3.46 -12.15
N VAL A 275 -5.34 2.48 -11.60
CA VAL A 275 -4.37 2.76 -10.50
C VAL A 275 -3.24 3.61 -11.07
N CYS A 276 -2.88 3.43 -12.34
CA CYS A 276 -1.83 4.26 -12.99
C CYS A 276 -2.31 5.70 -13.13
N VAL A 277 -3.51 5.87 -13.71
CA VAL A 277 -4.12 7.22 -13.87
C VAL A 277 -4.20 7.89 -12.49
N GLU A 278 -4.68 7.17 -11.47
CA GLU A 278 -4.88 7.76 -10.11
C GLU A 278 -3.54 8.16 -9.51
N HIS A 279 -2.49 7.32 -9.66
CA HIS A 279 -1.12 7.65 -9.19
C HIS A 279 -0.59 8.86 -9.93
N HIS A 280 -0.85 8.94 -11.25
CA HIS A 280 -0.45 10.14 -12.04
C HIS A 280 -1.22 11.35 -11.48
N THR A 281 -2.51 11.21 -11.20
CA THR A 281 -3.43 12.34 -10.91
C THR A 281 -3.14 12.99 -9.56
N PHE A 282 -2.89 12.21 -8.50
CA PHE A 282 -2.77 12.73 -7.13
C PHE A 282 -1.31 13.12 -6.85
N PHE A 283 -0.36 12.61 -7.65
CA PHE A 283 1.10 12.86 -7.49
C PHE A 283 1.67 13.51 -8.77
N ARG A 284 0.79 14.13 -9.56
CA ARG A 284 1.11 15.28 -10.43
C ARG A 284 1.15 16.52 -9.54
N LEU A 285 0.23 16.58 -8.57
CA LEU A 285 0.04 17.73 -7.63
C LEU A 285 1.03 17.58 -6.47
N LEU A 286 0.90 16.49 -5.72
CA LEU A 286 1.59 16.24 -4.42
C LEU A 286 2.99 15.67 -4.70
N1 VZS B . -10.52 9.82 -1.59
N3 VZS B . -11.57 6.45 -1.08
C4 VZS B . -7.55 11.12 -6.28
C5 VZS B . -7.17 10.11 -7.28
C6 VZS B . -8.29 10.66 -5.23
C7 VZS B . -8.67 11.54 -4.21
C8 VZS B . -10.10 9.97 -2.92
C10 VZS B . -12.51 8.46 -1.30
O1 VZS B . -10.43 9.21 -3.81
N2 VZS B . -11.15 8.61 -1.34
N4 VZS B . -12.77 7.12 -1.14
C9 VZS B . -10.58 7.33 -1.21
N VZS B . -9.34 11.12 -3.04
C1 VZS B . -8.27 12.90 -4.29
O VZS B . -8.68 13.63 -3.18
C VZS B . -8.18 14.96 -2.93
C3 VZS B . -7.17 12.48 -6.34
C2 VZS B . -7.53 13.34 -5.36
S DMS C . -5.25 -6.22 8.38
O DMS C . -4.39 -5.14 7.77
C1 DMS C . -4.86 -7.69 7.47
C2 DMS C . -4.48 -6.65 9.92
S DMS D . 10.89 3.59 -5.50
O DMS D . 12.13 2.94 -4.98
C1 DMS D . 9.61 3.05 -4.39
C2 DMS D . 10.44 2.66 -6.95
C1 EDO E . 0.69 16.81 14.92
O1 EDO E . -0.10 15.64 14.91
C2 EDO E . 2.15 16.58 14.80
O2 EDO E . 2.71 16.99 13.57
C1 EDO F . -2.89 -4.46 0.33
O1 EDO F . -3.43 -4.84 1.59
C2 EDO F . -3.05 -3.01 0.09
O2 EDO F . -4.25 -2.63 -0.55
C1 EDO G . 2.28 -7.42 -3.87
O1 EDO G . 2.09 -8.36 -4.92
C2 EDO G . 2.97 -6.15 -4.22
O2 EDO G . 2.15 -5.12 -4.75
C1 EDO H . 1.04 -8.14 14.91
O1 EDO H . 1.48 -8.50 16.20
C2 EDO H . 1.69 -6.85 14.56
O2 EDO H . 2.27 -6.74 13.29
C1 EDO I . 2.28 -2.53 -1.06
O1 EDO I . 1.08 -3.10 -0.57
C2 EDO I . 2.02 -1.36 -1.91
O2 EDO I . 0.85 -1.59 -2.69
#